data_5JJJ
#
_entry.id   5JJJ
#
_cell.length_a   66.310
_cell.length_b   66.310
_cell.length_c   170.081
_cell.angle_alpha   90.00
_cell.angle_beta   90.00
_cell.angle_gamma   120.00
#
_symmetry.space_group_name_H-M   'P 64'
#
loop_
_entity.id
_entity.type
_entity.pdbx_description
1 polymer 'Sensory rhodopsin-2'
2 polymer 'Sensory rhodopsin II transducer'
3 non-polymer RETINAL
4 non-polymer EICOSANE
5 water water
#
loop_
_entity_poly.entity_id
_entity_poly.type
_entity_poly.pdbx_seq_one_letter_code
_entity_poly.pdbx_strand_id
1 'polypeptide(L)'
;VGLTTLFWLGAIGMLVGTLAFAWAGRDAGSGERRYYVTLVGISGIAAVAYVVMALGVGWVPVAERTVFAPRYIDWILTTP
LIVYFLGLLAGLDSREFGIVITLNTVVMLAGFAGAMVPGIERYALFGMGAVAFLGLVYYLVGPMTESASQRSSGIKSLYV
RLRNLTVILWAIYPFIWLLGPPGVALLTPTVDVALIVYLDLVTKVGFGFIALDAAATLRAEHGESLAGVDTDAPAVADEN
SHHHHHHH
;
A
2 'polypeptide(L)'
;AVSRLLLPSRVRHSYTGKMGAVFIFVGALTVLFGAIAYGEVTAAAATGDAAAVQEAAVSAILGLIILLGINLGLVAATLG
GDTAASLSTLAAKASRMGDGDLDVELETRREDEIGDLYAAFDEMRQSVRTSLEDHHHHHHH
;
B
#
loop_
_chem_comp.id
_chem_comp.type
_chem_comp.name
_chem_comp.formula
LFA non-polymer EICOSANE 'C20 H42'
RET non-polymer RETINAL 'C20 H28 O'
#
# COMPACT_ATOMS: atom_id res chain seq x y z
N GLY A 2 -3.42 13.35 -14.56
CA GLY A 2 -2.53 12.64 -15.47
C GLY A 2 -1.92 11.44 -14.76
N LEU A 3 -1.95 10.29 -15.42
CA LEU A 3 -1.47 9.06 -14.80
C LEU A 3 0.00 9.12 -14.48
N THR A 4 0.79 9.62 -15.42
CA THR A 4 2.25 9.57 -15.27
C THR A 4 2.72 10.58 -14.22
N THR A 5 1.98 11.67 -14.09
CA THR A 5 2.23 12.62 -13.00
C THR A 5 2.06 11.95 -11.64
N LEU A 6 1.03 11.12 -11.50
CA LEU A 6 0.81 10.42 -10.22
C LEU A 6 1.92 9.41 -9.97
N PHE A 7 2.30 8.67 -11.01
CA PHE A 7 3.45 7.79 -10.91
C PHE A 7 4.73 8.56 -10.50
N TRP A 8 5.03 9.67 -11.18
CA TRP A 8 6.17 10.50 -10.79
C TRP A 8 6.11 11.00 -9.34
N LEU A 9 4.92 11.29 -8.82
CA LEU A 9 4.80 11.68 -7.40
C LEU A 9 5.10 10.48 -6.50
N GLY A 10 4.66 9.31 -6.93
CA GLY A 10 5.00 8.09 -6.23
C GLY A 10 6.51 7.90 -6.15
N ALA A 11 7.17 8.01 -7.31
CA ALA A 11 8.60 7.80 -7.38
C ALA A 11 9.36 8.75 -6.45
N ILE A 12 9.01 10.03 -6.50
CA ILE A 12 9.64 11.04 -5.67
C ILE A 12 9.42 10.79 -4.17
N GLY A 13 8.19 10.40 -3.81
CA GLY A 13 7.90 10.09 -2.43
C GLY A 13 8.73 8.91 -1.96
N MET A 14 8.78 7.85 -2.75
CA MET A 14 9.55 6.66 -2.39
C MET A 14 11.04 6.98 -2.26
N LEU A 15 11.56 7.80 -3.17
CA LEU A 15 12.95 8.21 -3.16
C LEU A 15 13.32 8.94 -1.87
N VAL A 16 12.54 9.97 -1.54
CA VAL A 16 12.73 10.74 -0.32
C VAL A 16 12.82 9.80 0.87
N GLY A 17 11.85 8.90 0.98
CA GLY A 17 11.86 7.87 2.00
C GLY A 17 13.14 7.06 1.98
N THR A 18 13.55 6.61 0.78
CA THR A 18 14.77 5.82 0.64
C THR A 18 15.99 6.56 1.18
N LEU A 19 16.19 7.80 0.71
CA LEU A 19 17.32 8.63 1.12
C LEU A 19 17.26 8.85 2.63
N ALA A 20 16.04 8.97 3.15
CA ALA A 20 15.85 9.22 4.59
C ALA A 20 16.29 8.00 5.42
N PHE A 21 16.04 6.82 4.89
CA PHE A 21 16.35 5.59 5.61
C PHE A 21 17.83 5.25 5.53
N ALA A 22 18.43 5.52 4.37
CA ALA A 22 19.87 5.33 4.22
C ALA A 22 20.61 6.29 5.15
N TRP A 23 20.17 7.54 5.19
CA TRP A 23 20.80 8.54 6.05
C TRP A 23 20.67 8.18 7.52
N ALA A 24 19.43 8.07 8.00
CA ALA A 24 19.14 7.67 9.37
C ALA A 24 19.90 6.40 9.78
N GLY A 25 20.03 5.47 8.86
CA GLY A 25 20.71 4.22 9.15
C GLY A 25 22.20 4.35 9.38
N ARG A 26 22.79 5.45 8.92
CA ARG A 26 24.24 5.67 9.01
C ARG A 26 24.77 5.44 10.43
N ASP A 27 23.97 5.78 11.43
CA ASP A 27 24.38 5.65 12.83
C ASP A 27 23.53 4.60 13.54
N ALA A 28 23.26 3.49 12.87
CA ALA A 28 22.43 2.43 13.44
C ALA A 28 23.22 1.59 14.43
N GLY A 29 22.51 0.99 15.39
CA GLY A 29 23.16 0.19 16.42
C GLY A 29 23.75 -1.11 15.91
N SER A 30 24.19 -1.96 16.84
CA SER A 30 24.87 -3.20 16.48
C SER A 30 23.99 -4.21 15.78
N GLY A 31 22.73 -4.32 16.21
CA GLY A 31 21.79 -5.21 15.57
C GLY A 31 20.55 -4.49 15.05
N GLU A 32 20.75 -3.31 14.50
CA GLU A 32 19.63 -2.50 14.01
C GLU A 32 19.77 -2.25 12.51
N ARG A 33 20.97 -2.45 11.98
CA ARG A 33 21.24 -2.25 10.56
C ARG A 33 20.24 -3.00 9.68
N ARG A 34 19.99 -4.26 10.00
CA ARG A 34 19.02 -5.05 9.26
C ARG A 34 17.67 -4.34 9.09
N TYR A 35 17.26 -3.55 10.09
CA TYR A 35 16.02 -2.80 9.96
C TYR A 35 16.15 -1.71 8.89
N TYR A 36 17.24 -0.96 8.96
CA TYR A 36 17.45 0.15 8.05
C TYR A 36 17.69 -0.33 6.63
N VAL A 37 18.49 -1.39 6.49
CA VAL A 37 18.68 -2.02 5.19
C VAL A 37 17.34 -2.42 4.57
N THR A 38 16.48 -3.02 5.38
CA THR A 38 15.19 -3.50 4.90
C THR A 38 14.30 -2.37 4.40
N LEU A 39 14.29 -1.25 5.11
CA LEU A 39 13.47 -0.10 4.73
C LEU A 39 13.98 0.58 3.45
N VAL A 40 15.30 0.59 3.26
CA VAL A 40 15.89 1.10 2.02
C VAL A 40 15.49 0.17 0.88
N GLY A 41 15.40 -1.12 1.19
CA GLY A 41 14.92 -2.11 0.23
C GLY A 41 13.46 -1.89 -0.15
N ILE A 42 12.63 -1.66 0.86
CA ILE A 42 11.20 -1.52 0.66
C ILE A 42 10.83 -0.29 -0.18
N SER A 43 11.50 0.83 0.09
CA SER A 43 11.17 2.10 -0.54
C SER A 43 11.96 2.30 -1.82
N GLY A 44 13.15 1.69 -1.89
CA GLY A 44 14.00 1.78 -3.05
C GLY A 44 13.43 0.96 -4.21
N ILE A 45 12.98 -0.26 -3.93
CA ILE A 45 12.38 -1.08 -4.97
C ILE A 45 11.13 -0.38 -5.55
N ALA A 46 10.34 0.19 -4.66
CA ALA A 46 9.10 0.86 -5.01
C ALA A 46 9.35 2.11 -5.86
N ALA A 47 10.40 2.86 -5.51
CA ALA A 47 10.81 4.02 -6.29
C ALA A 47 11.10 3.65 -7.73
N VAL A 48 11.88 2.60 -7.92
CA VAL A 48 12.22 2.13 -9.25
C VAL A 48 10.96 1.72 -10.02
N ALA A 49 10.02 1.07 -9.31
CA ALA A 49 8.79 0.63 -9.95
C ALA A 49 7.99 1.82 -10.44
N TYR A 50 7.77 2.80 -9.57
CA TYR A 50 7.06 4.03 -9.95
C TYR A 50 7.73 4.79 -11.09
N VAL A 51 9.06 4.78 -11.14
CA VAL A 51 9.77 5.42 -12.24
C VAL A 51 9.41 4.70 -13.53
N VAL A 52 9.47 3.37 -13.50
CA VAL A 52 9.14 2.57 -14.67
C VAL A 52 7.72 2.87 -15.17
N MET A 53 6.74 2.89 -14.26
CA MET A 53 5.37 3.24 -14.64
C MET A 53 5.28 4.67 -15.16
N ALA A 54 5.98 5.60 -14.52
CA ALA A 54 5.97 7.00 -14.95
C ALA A 54 6.54 7.19 -16.34
N LEU A 55 7.42 6.27 -16.75
CA LEU A 55 8.00 6.31 -18.07
C LEU A 55 7.12 5.58 -19.09
N GLY A 56 5.99 5.06 -18.63
CA GLY A 56 5.01 4.46 -19.52
C GLY A 56 5.20 2.98 -19.82
N VAL A 57 6.08 2.34 -19.06
CA VAL A 57 6.45 0.96 -19.32
C VAL A 57 5.68 -0.03 -18.42
N GLY A 58 5.25 -1.14 -19.01
CA GLY A 58 4.56 -2.15 -18.24
C GLY A 58 3.06 -1.94 -18.11
N TRP A 59 2.49 -1.12 -18.99
CA TRP A 59 1.05 -0.90 -19.03
C TRP A 59 0.40 -1.98 -19.89
N VAL A 60 -0.10 -3.02 -19.23
CA VAL A 60 -0.65 -4.16 -19.95
C VAL A 60 -2.14 -4.03 -20.30
N PRO A 61 -2.47 -4.21 -21.59
CA PRO A 61 -3.89 -4.23 -21.96
C PRO A 61 -4.50 -5.55 -21.51
N VAL A 62 -5.63 -5.48 -20.83
CA VAL A 62 -6.40 -6.67 -20.46
C VAL A 62 -7.85 -6.30 -20.63
N ALA A 63 -8.55 -7.03 -21.51
CA ALA A 63 -9.93 -6.72 -21.86
C ALA A 63 -10.14 -5.22 -22.06
N GLU A 64 -10.98 -4.61 -21.22
CA GLU A 64 -11.23 -3.18 -21.28
C GLU A 64 -10.47 -2.36 -20.23
N ARG A 65 -9.57 -3.01 -19.49
CA ARG A 65 -8.80 -2.30 -18.46
C ARG A 65 -7.30 -2.24 -18.80
N THR A 66 -6.53 -1.63 -17.91
CA THR A 66 -5.10 -1.54 -18.07
C THR A 66 -4.44 -1.94 -16.77
N VAL A 67 -3.65 -3.02 -16.81
CA VAL A 67 -2.98 -3.53 -15.61
C VAL A 67 -1.54 -3.05 -15.59
N PHE A 68 -1.14 -2.44 -14.48
CA PHE A 68 0.25 -2.02 -14.33
C PHE A 68 1.10 -3.13 -13.73
N ALA A 69 1.77 -3.90 -14.59
CA ALA A 69 2.65 -4.98 -14.13
C ALA A 69 3.70 -4.56 -13.09
N PRO A 70 4.33 -3.37 -13.25
CA PRO A 70 5.34 -3.01 -12.25
C PRO A 70 4.78 -2.94 -10.84
N ARG A 71 3.60 -2.34 -10.68
CA ARG A 71 2.92 -2.31 -9.40
C ARG A 71 2.98 -3.66 -8.70
N TYR A 72 2.59 -4.71 -9.44
CA TYR A 72 2.46 -6.03 -8.83
C TYR A 72 3.81 -6.69 -8.57
N ILE A 73 4.78 -6.39 -9.42
CA ILE A 73 6.12 -6.92 -9.24
C ILE A 73 6.76 -6.29 -7.99
N ASP A 74 6.56 -4.98 -7.84
CA ASP A 74 6.78 -4.28 -6.59
C ASP A 74 6.23 -5.11 -5.41
N TRP A 75 4.92 -5.29 -5.34
CA TRP A 75 4.25 -5.92 -4.18
C TRP A 75 4.88 -7.27 -3.82
N ILE A 76 5.10 -8.10 -4.83
CA ILE A 76 5.69 -9.41 -4.64
C ILE A 76 7.06 -9.34 -3.94
N LEU A 77 7.78 -8.24 -4.15
CA LEU A 77 9.12 -8.08 -3.59
C LEU A 77 9.15 -7.33 -2.28
N THR A 78 8.29 -6.32 -2.15
CA THR A 78 8.37 -5.42 -1.03
C THR A 78 7.50 -5.87 0.13
N THR A 79 6.25 -6.24 -0.15
CA THR A 79 5.35 -6.73 0.90
C THR A 79 5.94 -7.86 1.75
N PRO A 80 6.66 -8.83 1.14
CA PRO A 80 7.28 -9.78 2.06
C PRO A 80 8.41 -9.12 2.87
N LEU A 81 8.98 -8.03 2.36
CA LEU A 81 10.04 -7.35 3.12
C LEU A 81 9.46 -6.59 4.28
N ILE A 82 8.24 -6.08 4.08
CA ILE A 82 7.48 -5.46 5.16
C ILE A 82 7.16 -6.50 6.23
N VAL A 83 6.82 -7.71 5.78
CA VAL A 83 6.48 -8.79 6.68
C VAL A 83 7.72 -9.26 7.42
N TYR A 84 8.85 -9.21 6.73
CA TYR A 84 10.12 -9.56 7.36
C TYR A 84 10.44 -8.57 8.48
N PHE A 85 10.24 -7.28 8.20
CA PHE A 85 10.46 -6.23 9.20
C PHE A 85 9.60 -6.49 10.44
N LEU A 86 8.31 -6.78 10.25
CA LEU A 86 7.40 -7.02 11.34
C LEU A 86 7.79 -8.30 12.08
N GLY A 87 8.37 -9.23 11.35
CA GLY A 87 8.84 -10.47 11.95
C GLY A 87 10.05 -10.26 12.84
N LEU A 88 10.78 -9.18 12.57
CA LEU A 88 11.97 -8.84 13.36
C LEU A 88 11.59 -8.26 14.71
N LEU A 89 10.67 -7.30 14.70
CA LEU A 89 10.18 -6.76 15.96
C LEU A 89 9.51 -7.84 16.79
N ALA A 90 8.75 -8.70 16.12
CA ALA A 90 8.03 -9.76 16.82
C ALA A 90 9.00 -10.79 17.42
N GLY A 91 10.15 -10.94 16.78
CA GLY A 91 11.16 -11.89 17.26
C GLY A 91 10.95 -13.31 16.77
N LEU A 92 10.33 -13.48 15.61
CA LEU A 92 10.15 -14.80 15.00
C LEU A 92 11.43 -15.61 14.83
N ASP A 93 11.32 -16.93 14.97
CA ASP A 93 12.33 -17.84 14.45
C ASP A 93 12.01 -18.08 12.98
N SER A 94 12.81 -18.93 12.32
CA SER A 94 12.71 -19.10 10.86
C SER A 94 11.40 -19.73 10.40
N ARG A 95 10.89 -20.68 11.18
CA ARG A 95 9.71 -21.43 10.76
C ARG A 95 8.54 -20.50 10.64
N GLU A 96 8.47 -19.59 11.59
CA GLU A 96 7.35 -18.67 11.65
C GLU A 96 7.43 -17.69 10.49
N PHE A 97 8.63 -17.45 9.98
CA PHE A 97 8.83 -16.56 8.85
C PHE A 97 8.24 -17.18 7.57
N GLY A 98 8.65 -18.41 7.26
CA GLY A 98 8.24 -19.10 6.05
C GLY A 98 6.75 -19.32 5.89
N ILE A 99 6.01 -19.27 7.00
CA ILE A 99 4.55 -19.39 6.94
C ILE A 99 3.95 -18.09 6.43
N VAL A 100 4.20 -17.00 7.16
CA VAL A 100 3.62 -15.71 6.86
C VAL A 100 4.05 -15.17 5.49
N ILE A 101 5.35 -15.26 5.19
CA ILE A 101 5.90 -14.86 3.90
C ILE A 101 5.24 -15.62 2.75
N THR A 102 4.92 -16.89 2.99
CA THR A 102 4.31 -17.72 1.95
C THR A 102 2.86 -17.31 1.77
N LEU A 103 2.18 -17.10 2.89
CA LEU A 103 0.84 -16.54 2.86
C LEU A 103 0.83 -15.25 2.07
N ASN A 104 1.72 -14.32 2.45
CA ASN A 104 1.79 -13.01 1.83
C ASN A 104 2.01 -13.14 0.33
N THR A 105 2.96 -13.99 -0.06
CA THR A 105 3.24 -14.18 -1.48
C THR A 105 2.01 -14.67 -2.25
N VAL A 106 1.24 -15.56 -1.62
CA VAL A 106 0.04 -16.09 -2.27
C VAL A 106 -0.96 -14.96 -2.56
N VAL A 107 -1.14 -14.07 -1.59
CA VAL A 107 -2.01 -12.92 -1.78
C VAL A 107 -1.67 -12.12 -3.05
N MET A 108 -0.40 -11.73 -3.20
CA MET A 108 0.01 -10.83 -4.28
C MET A 108 -0.09 -11.53 -5.65
N LEU A 109 0.31 -12.80 -5.70
CA LEU A 109 0.20 -13.59 -6.93
C LEU A 109 -1.25 -13.75 -7.35
N ALA A 110 -2.14 -13.96 -6.39
CA ALA A 110 -3.57 -14.11 -6.70
C ALA A 110 -4.17 -12.82 -7.21
N GLY A 111 -3.80 -11.71 -6.58
CA GLY A 111 -4.24 -10.41 -7.04
C GLY A 111 -3.72 -10.15 -8.44
N PHE A 112 -2.44 -10.46 -8.64
CA PHE A 112 -1.80 -10.23 -9.94
C PHE A 112 -2.49 -11.09 -11.01
N ALA A 113 -2.55 -12.39 -10.78
CA ALA A 113 -3.22 -13.34 -11.66
C ALA A 113 -4.64 -12.91 -12.01
N GLY A 114 -5.42 -12.60 -10.98
CA GLY A 114 -6.79 -12.18 -11.15
C GLY A 114 -6.88 -10.94 -12.00
N ALA A 115 -6.01 -9.97 -11.71
CA ALA A 115 -5.92 -8.74 -12.48
C ALA A 115 -5.73 -9.01 -13.96
N MET A 116 -4.98 -10.06 -14.29
CA MET A 116 -4.66 -10.36 -15.71
C MET A 116 -5.67 -11.26 -16.42
N VAL A 117 -6.82 -11.51 -15.79
CA VAL A 117 -7.81 -12.43 -16.35
C VAL A 117 -9.11 -11.72 -16.73
N PRO A 118 -9.46 -11.69 -18.02
CA PRO A 118 -10.67 -10.97 -18.46
C PRO A 118 -11.92 -11.62 -17.90
N GLY A 119 -11.93 -12.95 -17.88
CA GLY A 119 -13.10 -13.70 -17.49
C GLY A 119 -13.53 -13.50 -16.06
N ILE A 120 -14.72 -13.98 -15.77
CA ILE A 120 -15.34 -13.84 -14.46
C ILE A 120 -14.60 -14.66 -13.40
N GLU A 121 -13.77 -15.59 -13.86
CA GLU A 121 -13.02 -16.44 -12.95
C GLU A 121 -11.89 -15.69 -12.22
N ARG A 122 -11.65 -14.45 -12.63
CA ARG A 122 -10.72 -13.59 -11.91
C ARG A 122 -11.16 -13.41 -10.46
N TYR A 123 -12.47 -13.49 -10.22
CA TYR A 123 -13.00 -13.38 -8.86
C TYR A 123 -12.71 -14.61 -8.00
N ALA A 124 -12.51 -15.75 -8.64
CA ALA A 124 -12.12 -16.93 -7.89
C ALA A 124 -10.69 -16.73 -7.43
N LEU A 125 -9.85 -16.25 -8.34
CA LEU A 125 -8.45 -15.94 -8.01
C LEU A 125 -8.41 -14.92 -6.89
N PHE A 126 -9.29 -13.92 -6.97
CA PHE A 126 -9.38 -12.92 -5.91
C PHE A 126 -9.78 -13.60 -4.61
N GLY A 127 -10.77 -14.50 -4.70
CA GLY A 127 -11.21 -15.30 -3.57
C GLY A 127 -10.04 -15.91 -2.81
N MET A 128 -9.15 -16.58 -3.53
CA MET A 128 -8.01 -17.25 -2.92
C MET A 128 -7.03 -16.26 -2.29
N GLY A 129 -6.85 -15.11 -2.93
CA GLY A 129 -5.98 -14.09 -2.39
C GLY A 129 -6.53 -13.59 -1.07
N ALA A 130 -7.85 -13.49 -1.03
CA ALA A 130 -8.51 -12.94 0.15
C ALA A 130 -8.38 -13.92 1.29
N VAL A 131 -8.58 -15.21 1.00
CA VAL A 131 -8.46 -16.22 2.06
C VAL A 131 -7.04 -16.28 2.63
N ALA A 132 -6.04 -16.18 1.75
CA ALA A 132 -4.64 -16.09 2.20
C ALA A 132 -4.39 -14.83 3.05
N PHE A 133 -5.06 -13.74 2.72
CA PHE A 133 -4.88 -12.50 3.46
C PHE A 133 -5.37 -12.65 4.88
N LEU A 134 -6.53 -13.28 5.05
CA LEU A 134 -7.08 -13.54 6.37
C LEU A 134 -6.11 -14.42 7.15
N GLY A 135 -5.47 -15.33 6.44
CA GLY A 135 -4.42 -16.14 7.04
C GLY A 135 -3.28 -15.27 7.53
N LEU A 136 -2.80 -14.37 6.68
CA LEU A 136 -1.76 -13.43 7.09
C LEU A 136 -2.18 -12.59 8.30
N VAL A 137 -3.40 -12.07 8.27
CA VAL A 137 -3.88 -11.23 9.36
C VAL A 137 -3.91 -11.99 10.67
N TYR A 138 -4.36 -13.25 10.59
CA TYR A 138 -4.39 -14.11 11.77
C TYR A 138 -3.01 -14.19 12.43
N TYR A 139 -1.98 -14.40 11.61
CA TYR A 139 -0.61 -14.41 12.09
C TYR A 139 -0.12 -13.09 12.68
N LEU A 140 -0.50 -11.97 12.08
CA LEU A 140 -0.09 -10.66 12.61
C LEU A 140 -0.71 -10.40 13.97
N VAL A 141 -2.01 -10.63 14.10
CA VAL A 141 -2.71 -10.32 15.33
C VAL A 141 -2.66 -11.47 16.35
N GLY A 142 -2.32 -12.67 15.90
CA GLY A 142 -2.29 -13.82 16.78
C GLY A 142 -0.89 -14.15 17.26
N PRO A 143 -0.33 -15.27 16.76
CA PRO A 143 1.01 -15.76 17.08
C PRO A 143 2.13 -14.70 17.07
N MET A 144 2.21 -13.88 16.02
CA MET A 144 3.27 -12.86 15.95
C MET A 144 3.11 -11.83 17.05
N THR A 145 1.87 -11.57 17.42
CA THR A 145 1.58 -10.68 18.53
C THR A 145 1.96 -11.34 19.86
N GLU A 146 1.73 -12.64 19.96
CA GLU A 146 2.13 -13.39 21.15
C GLU A 146 3.65 -13.33 21.27
N SER A 147 4.32 -13.59 20.16
CA SER A 147 5.78 -13.54 20.09
C SER A 147 6.26 -12.18 20.58
N ALA A 148 5.64 -11.12 20.08
CA ALA A 148 6.09 -9.75 20.34
C ALA A 148 5.88 -9.34 21.77
N SER A 149 4.88 -9.93 22.42
CA SER A 149 4.67 -9.69 23.84
C SER A 149 5.84 -10.11 24.74
N GLN A 150 6.70 -11.03 24.27
CA GLN A 150 7.82 -11.49 25.10
C GLN A 150 8.95 -10.47 25.10
N ARG A 151 8.90 -9.53 24.17
CA ARG A 151 9.99 -8.57 24.03
C ARG A 151 9.84 -7.34 24.94
N SER A 152 10.88 -6.51 24.99
CA SER A 152 10.85 -5.29 25.78
C SER A 152 9.72 -4.37 25.29
N SER A 153 9.05 -3.72 26.24
CA SER A 153 7.81 -3.01 26.01
C SER A 153 7.86 -1.96 24.90
N GLY A 154 9.02 -1.33 24.73
CA GLY A 154 9.22 -0.37 23.67
C GLY A 154 9.12 -1.04 22.31
N ILE A 155 9.58 -2.28 22.23
CA ILE A 155 9.55 -3.01 20.97
C ILE A 155 8.13 -3.54 20.72
N LYS A 156 7.51 -4.01 21.79
CA LYS A 156 6.12 -4.46 21.74
C LYS A 156 5.24 -3.32 21.23
N SER A 157 5.42 -2.14 21.81
CA SER A 157 4.56 -1.01 21.48
C SER A 157 4.77 -0.58 20.03
N LEU A 158 6.03 -0.60 19.58
CA LEU A 158 6.32 -0.31 18.17
C LEU A 158 5.73 -1.40 17.26
N TYR A 159 5.73 -2.65 17.71
CA TYR A 159 5.12 -3.72 16.93
C TYR A 159 3.61 -3.52 16.72
N VAL A 160 2.88 -3.30 17.81
CA VAL A 160 1.44 -3.08 17.80
C VAL A 160 1.07 -1.92 16.89
N ARG A 161 1.84 -0.84 17.02
CA ARG A 161 1.70 0.34 16.19
C ARG A 161 1.88 0.01 14.70
N LEU A 162 2.92 -0.74 14.37
CA LEU A 162 3.20 -1.07 12.99
C LEU A 162 2.27 -2.15 12.45
N ARG A 163 1.86 -3.06 13.34
CA ARG A 163 0.92 -4.12 12.95
C ARG A 163 -0.45 -3.53 12.67
N ASN A 164 -0.90 -2.60 13.52
CA ASN A 164 -2.15 -1.91 13.30
C ASN A 164 -2.19 -1.16 11.97
N LEU A 165 -1.13 -0.42 11.67
CA LEU A 165 -1.04 0.36 10.44
C LEU A 165 -1.11 -0.58 9.25
N THR A 166 -0.42 -1.72 9.35
CA THR A 166 -0.36 -2.69 8.26
C THR A 166 -1.69 -3.41 8.03
N VAL A 167 -2.26 -3.97 9.08
CA VAL A 167 -3.50 -4.72 8.99
C VAL A 167 -4.65 -3.85 8.48
N ILE A 168 -4.82 -2.67 9.07
CA ILE A 168 -5.85 -1.74 8.63
C ILE A 168 -5.70 -1.30 7.15
N LEU A 169 -4.51 -0.86 6.78
CA LEU A 169 -4.30 -0.32 5.44
C LEU A 169 -4.16 -1.41 4.37
N TRP A 170 -3.59 -2.56 4.70
CA TRP A 170 -3.52 -3.62 3.70
C TRP A 170 -4.93 -4.13 3.42
N ALA A 171 -5.83 -4.02 4.41
CA ALA A 171 -7.20 -4.50 4.20
C ALA A 171 -7.94 -3.64 3.19
N ILE A 172 -7.41 -2.47 2.88
CA ILE A 172 -8.07 -1.58 1.95
C ILE A 172 -7.77 -1.96 0.50
N TYR A 173 -6.55 -2.45 0.25
CA TYR A 173 -6.15 -2.85 -1.10
C TYR A 173 -7.19 -3.72 -1.84
N PRO A 174 -7.61 -4.86 -1.26
CA PRO A 174 -8.56 -5.70 -2.01
C PRO A 174 -9.87 -4.96 -2.37
N PHE A 175 -10.24 -3.94 -1.61
CA PHE A 175 -11.42 -3.14 -1.99
C PHE A 175 -11.18 -2.28 -3.22
N ILE A 176 -9.97 -1.76 -3.34
CA ILE A 176 -9.59 -0.99 -4.51
C ILE A 176 -9.58 -1.94 -5.71
N TRP A 177 -9.13 -3.17 -5.49
CA TRP A 177 -9.10 -4.18 -6.53
C TRP A 177 -10.51 -4.49 -7.03
N LEU A 178 -11.46 -4.65 -6.11
CA LEU A 178 -12.84 -4.95 -6.47
C LEU A 178 -13.57 -3.76 -7.11
N LEU A 179 -13.42 -2.57 -6.53
CA LEU A 179 -14.14 -1.40 -7.05
C LEU A 179 -13.46 -0.78 -8.26
N GLY A 180 -12.16 -1.08 -8.41
CA GLY A 180 -11.36 -0.51 -9.47
C GLY A 180 -11.43 -1.35 -10.75
N PRO A 181 -10.63 -0.97 -11.77
CA PRO A 181 -10.57 -1.66 -13.07
C PRO A 181 -10.53 -3.20 -13.04
N PRO A 182 -9.80 -3.83 -12.09
CA PRO A 182 -9.81 -5.30 -12.12
C PRO A 182 -11.16 -5.92 -11.74
N GLY A 183 -11.95 -5.20 -10.95
CA GLY A 183 -13.22 -5.70 -10.46
C GLY A 183 -14.43 -5.15 -11.20
N VAL A 184 -15.16 -4.22 -10.60
CA VAL A 184 -16.37 -3.71 -11.24
C VAL A 184 -16.16 -2.40 -12.00
N ALA A 185 -14.94 -1.85 -11.94
CA ALA A 185 -14.56 -0.64 -12.69
C ALA A 185 -15.40 0.59 -12.32
N LEU A 186 -15.72 0.72 -11.05
CA LEU A 186 -16.42 1.89 -10.55
C LEU A 186 -15.45 3.01 -10.23
N LEU A 187 -14.19 2.66 -9.95
CA LEU A 187 -13.14 3.65 -9.79
C LEU A 187 -12.40 3.77 -11.11
N THR A 188 -12.22 5.01 -11.58
CA THR A 188 -11.52 5.25 -12.84
C THR A 188 -10.06 4.88 -12.61
N PRO A 189 -9.30 4.63 -13.69
CA PRO A 189 -7.89 4.26 -13.52
C PRO A 189 -7.14 5.29 -12.68
N THR A 190 -7.43 6.57 -12.92
CA THR A 190 -6.76 7.67 -12.24
C THR A 190 -6.98 7.64 -10.73
N VAL A 191 -8.23 7.41 -10.32
CA VAL A 191 -8.52 7.32 -8.90
C VAL A 191 -7.91 6.08 -8.27
N ASP A 192 -7.88 4.99 -9.01
CA ASP A 192 -7.25 3.76 -8.55
C ASP A 192 -5.75 3.98 -8.29
N VAL A 193 -5.07 4.60 -9.25
CA VAL A 193 -3.66 4.92 -9.11
C VAL A 193 -3.39 5.90 -7.96
N ALA A 194 -4.18 6.96 -7.84
CA ALA A 194 -4.04 7.93 -6.75
C ALA A 194 -4.16 7.29 -5.37
N LEU A 195 -5.21 6.49 -5.16
CA LEU A 195 -5.39 5.82 -3.88
C LEU A 195 -4.21 4.90 -3.54
N ILE A 196 -3.79 4.07 -4.50
CA ILE A 196 -2.65 3.17 -4.27
C ILE A 196 -1.36 3.93 -3.96
N VAL A 197 -1.11 5.03 -4.68
CA VAL A 197 0.07 5.85 -4.44
C VAL A 197 0.08 6.32 -2.99
N TYR A 198 -1.07 6.79 -2.55
CA TYR A 198 -1.22 7.20 -1.16
C TYR A 198 -0.97 6.01 -0.23
N LEU A 199 -1.51 4.85 -0.57
CA LEU A 199 -1.34 3.69 0.30
C LEU A 199 0.11 3.24 0.36
N ASP A 200 0.70 3.04 -0.81
CA ASP A 200 2.08 2.61 -0.92
C ASP A 200 3.00 3.55 -0.13
N LEU A 201 2.73 4.86 -0.14
CA LEU A 201 3.57 5.79 0.63
C LEU A 201 3.40 5.64 2.14
N VAL A 202 2.17 5.39 2.58
CA VAL A 202 1.95 5.23 4.02
C VAL A 202 2.46 3.87 4.52
N THR A 203 2.15 2.80 3.78
CA THR A 203 2.54 1.46 4.16
C THR A 203 4.05 1.25 4.08
N LYS A 204 4.74 2.11 3.34
CA LYS A 204 6.20 1.97 3.22
C LYS A 204 6.89 3.15 3.88
N VAL A 205 6.75 4.34 3.32
CA VAL A 205 7.45 5.51 3.85
C VAL A 205 6.91 5.92 5.22
N GLY A 206 5.59 5.98 5.36
CA GLY A 206 4.97 6.31 6.63
C GLY A 206 5.32 5.27 7.69
N PHE A 207 5.15 4.01 7.32
CA PHE A 207 5.57 2.86 8.11
C PHE A 207 7.00 3.06 8.62
N GLY A 208 7.88 3.45 7.70
CA GLY A 208 9.29 3.63 8.01
C GLY A 208 9.54 4.77 8.97
N PHE A 209 8.90 5.91 8.74
CA PHE A 209 9.16 7.09 9.57
C PHE A 209 8.71 6.89 11.02
N ILE A 210 7.55 6.26 11.19
CA ILE A 210 7.09 5.85 12.52
C ILE A 210 8.14 4.99 13.21
N ALA A 211 8.85 4.16 12.44
CA ALA A 211 9.94 3.36 12.99
C ALA A 211 11.18 4.21 13.33
N LEU A 212 11.47 5.20 12.51
CA LEU A 212 12.54 6.17 12.82
C LEU A 212 12.22 6.96 14.08
N ASP A 213 10.94 7.26 14.27
CA ASP A 213 10.51 8.08 15.38
C ASP A 213 10.73 7.32 16.68
N ALA A 214 10.38 6.03 16.66
CA ALA A 214 10.48 5.19 17.83
C ALA A 214 11.89 4.66 18.11
N ALA A 215 12.73 4.53 17.08
CA ALA A 215 14.09 4.01 17.27
C ALA A 215 14.91 5.07 17.98
N ALA A 216 14.47 6.31 17.85
CA ALA A 216 15.03 7.41 18.61
C ALA A 216 14.42 7.36 20.01
N THR A 217 13.13 7.71 20.08
CA THR A 217 12.39 7.73 21.34
C THR A 217 12.23 6.33 21.95
N GLY B 20 -0.39 16.12 16.26
CA GLY B 20 -1.33 17.09 15.72
C GLY B 20 -1.09 17.45 14.26
N ALA B 21 0.18 17.48 13.85
CA ALA B 21 0.53 17.88 12.49
C ALA B 21 0.02 16.87 11.45
N VAL B 22 -0.18 15.64 11.88
CA VAL B 22 -0.69 14.57 11.03
C VAL B 22 -1.99 14.97 10.33
N PHE B 23 -2.89 15.59 11.10
CA PHE B 23 -4.19 15.99 10.57
C PHE B 23 -3.98 16.95 9.42
N ILE B 24 -3.09 17.93 9.63
CA ILE B 24 -2.86 18.94 8.60
C ILE B 24 -2.25 18.30 7.35
N PHE B 25 -1.46 17.25 7.54
CA PHE B 25 -0.99 16.46 6.41
C PHE B 25 -2.15 15.71 5.73
N VAL B 26 -2.98 15.06 6.54
CA VAL B 26 -4.15 14.35 6.04
C VAL B 26 -5.12 15.31 5.32
N GLY B 27 -5.44 16.42 5.96
CA GLY B 27 -6.30 17.43 5.35
C GLY B 27 -5.77 17.95 4.02
N ALA B 28 -4.47 18.19 3.97
CA ALA B 28 -3.83 18.68 2.75
C ALA B 28 -3.99 17.67 1.62
N LEU B 29 -3.74 16.40 1.91
CA LEU B 29 -3.89 15.37 0.90
C LEU B 29 -5.36 15.14 0.51
N THR B 30 -6.25 15.13 1.50
CA THR B 30 -7.66 14.94 1.20
C THR B 30 -8.20 16.00 0.24
N VAL B 31 -7.77 17.26 0.38
CA VAL B 31 -8.21 18.26 -0.60
C VAL B 31 -7.52 18.08 -1.95
N LEU B 32 -6.28 17.58 -1.94
CA LEU B 32 -5.60 17.26 -3.19
C LEU B 32 -6.37 16.19 -3.95
N PHE B 33 -6.78 15.17 -3.22
CA PHE B 33 -7.53 14.08 -3.84
C PHE B 33 -8.88 14.58 -4.37
N GLY B 34 -9.54 15.43 -3.58
CA GLY B 34 -10.78 16.04 -4.02
C GLY B 34 -10.59 16.76 -5.35
N ALA B 35 -9.49 17.50 -5.46
CA ALA B 35 -9.23 18.28 -6.66
C ALA B 35 -8.98 17.39 -7.88
N ILE B 36 -8.36 16.24 -7.67
CA ILE B 36 -8.16 15.28 -8.74
C ILE B 36 -9.50 14.72 -9.20
N ALA B 37 -10.31 14.28 -8.24
CA ALA B 37 -11.62 13.74 -8.53
C ALA B 37 -12.48 14.79 -9.24
N TYR B 38 -12.52 16.00 -8.67
CA TYR B 38 -13.28 17.09 -9.25
C TYR B 38 -12.86 17.37 -10.69
N GLY B 39 -11.54 17.39 -10.92
CA GLY B 39 -11.00 17.60 -12.25
C GLY B 39 -11.49 16.58 -13.27
N GLU B 40 -11.82 15.39 -12.80
CA GLU B 40 -12.40 14.38 -13.68
C GLU B 40 -13.86 14.66 -13.99
N VAL B 41 -14.58 15.08 -12.97
CA VAL B 41 -16.00 15.41 -13.06
C VAL B 41 -16.22 16.52 -14.09
N THR B 42 -15.45 17.60 -13.96
CA THR B 42 -15.52 18.73 -14.88
C THR B 42 -15.15 18.38 -16.31
N ALA B 43 -14.13 17.54 -16.48
CA ALA B 43 -13.73 17.12 -17.83
C ALA B 43 -14.90 16.36 -18.46
N ALA B 44 -15.46 15.42 -17.70
CA ALA B 44 -16.70 14.75 -18.04
C ALA B 44 -17.82 15.76 -18.38
N ALA B 45 -17.91 16.82 -17.59
CA ALA B 45 -18.99 17.80 -17.79
C ALA B 45 -18.86 18.49 -19.16
N ALA B 46 -17.63 18.85 -19.51
CA ALA B 46 -17.33 19.52 -20.77
C ALA B 46 -17.63 18.61 -21.96
N THR B 47 -17.87 17.34 -21.66
CA THR B 47 -18.25 16.38 -22.67
C THR B 47 -19.74 16.59 -23.07
N GLY B 48 -20.55 17.08 -22.14
CA GLY B 48 -21.95 17.30 -22.42
C GLY B 48 -22.78 16.06 -22.15
N ASP B 49 -22.12 14.97 -21.78
CA ASP B 49 -22.77 13.67 -21.56
C ASP B 49 -22.91 13.37 -20.06
N ALA B 50 -24.16 13.36 -19.60
CA ALA B 50 -24.51 13.21 -18.20
C ALA B 50 -24.03 11.88 -17.63
N ALA B 51 -24.10 10.83 -18.46
CA ALA B 51 -23.65 9.50 -18.06
C ALA B 51 -22.15 9.53 -17.79
N ALA B 52 -21.41 10.31 -18.57
CA ALA B 52 -19.97 10.39 -18.38
C ALA B 52 -19.66 11.12 -17.07
N VAL B 53 -20.45 12.13 -16.76
CA VAL B 53 -20.29 12.82 -15.49
C VAL B 53 -20.63 11.90 -14.30
N GLN B 54 -21.67 11.09 -14.44
CA GLN B 54 -22.08 10.20 -13.37
C GLN B 54 -21.02 9.13 -13.10
N GLU B 55 -20.44 8.62 -14.17
CA GLU B 55 -19.39 7.62 -14.06
C GLU B 55 -18.17 8.26 -13.35
N ALA B 56 -17.86 9.49 -13.71
CA ALA B 56 -16.80 10.21 -13.00
C ALA B 56 -17.17 10.53 -11.53
N ALA B 57 -18.46 10.72 -11.25
CA ALA B 57 -18.90 11.08 -9.91
C ALA B 57 -18.86 9.90 -8.96
N VAL B 58 -19.33 8.74 -9.44
CA VAL B 58 -19.29 7.52 -8.64
C VAL B 58 -17.85 7.15 -8.25
N SER B 59 -16.92 7.25 -9.20
CA SER B 59 -15.51 7.04 -8.93
C SER B 59 -14.99 7.97 -7.82
N ALA B 60 -15.49 9.19 -7.81
CA ALA B 60 -14.96 10.19 -6.90
C ALA B 60 -15.51 9.99 -5.48
N ILE B 61 -16.79 9.62 -5.42
CA ILE B 61 -17.45 9.29 -4.17
C ILE B 61 -16.81 8.06 -3.52
N LEU B 62 -16.62 7.01 -4.31
CA LEU B 62 -16.06 5.77 -3.77
C LEU B 62 -14.60 5.96 -3.37
N GLY B 63 -13.84 6.65 -4.21
CA GLY B 63 -12.47 7.01 -3.86
C GLY B 63 -12.38 7.76 -2.54
N LEU B 64 -13.26 8.73 -2.33
CA LEU B 64 -13.23 9.58 -1.14
C LEU B 64 -13.65 8.81 0.09
N ILE B 65 -14.61 7.90 -0.07
CA ILE B 65 -14.97 7.02 1.02
C ILE B 65 -13.78 6.14 1.39
N ILE B 66 -13.18 5.51 0.40
CA ILE B 66 -11.98 4.71 0.61
C ILE B 66 -10.88 5.55 1.27
N LEU B 67 -10.78 6.82 0.88
CA LEU B 67 -9.77 7.73 1.40
C LEU B 67 -9.93 8.01 2.90
N LEU B 68 -11.17 8.04 3.37
CA LEU B 68 -11.42 8.12 4.81
C LEU B 68 -10.75 6.97 5.55
N GLY B 69 -10.91 5.76 5.01
CA GLY B 69 -10.36 4.58 5.65
C GLY B 69 -8.85 4.60 5.76
N ILE B 70 -8.17 5.12 4.73
CA ILE B 70 -6.73 5.26 4.75
C ILE B 70 -6.29 6.26 5.82
N ASN B 71 -6.95 7.41 5.86
CA ASN B 71 -6.64 8.45 6.84
C ASN B 71 -6.89 8.00 8.26
N LEU B 72 -7.96 7.22 8.47
CA LEU B 72 -8.25 6.69 9.79
C LEU B 72 -7.15 5.72 10.22
N GLY B 73 -6.78 4.81 9.32
CA GLY B 73 -5.70 3.90 9.60
C GLY B 73 -4.41 4.62 9.96
N LEU B 74 -4.12 5.70 9.24
CA LEU B 74 -2.90 6.46 9.50
C LEU B 74 -3.03 7.20 10.81
N VAL B 75 -4.23 7.71 11.08
CA VAL B 75 -4.51 8.37 12.36
C VAL B 75 -4.48 7.36 13.51
N ALA B 76 -5.21 6.26 13.34
CA ALA B 76 -5.26 5.21 14.35
C ALA B 76 -3.87 4.74 14.70
N ALA B 77 -3.11 4.33 13.70
CA ALA B 77 -1.76 3.83 13.91
C ALA B 77 -0.91 4.85 14.64
N THR B 78 -1.14 6.12 14.35
CA THR B 78 -0.38 7.19 15.00
C THR B 78 -1.05 7.71 16.28
N LEU B 79 -2.21 7.16 16.63
CA LEU B 79 -2.91 7.55 17.86
C LEU B 79 -3.30 6.35 18.70
C1 RET C . -4.94 -8.18 -3.54
C2 RET C . -6.16 -8.63 -4.46
C3 RET C . -6.37 -10.05 -3.94
C4 RET C . -6.74 -9.71 -2.42
C5 RET C . -5.92 -9.03 -1.57
C6 RET C . -4.99 -8.17 -2.13
C7 RET C . -4.15 -7.55 -1.19
C8 RET C . -3.07 -6.59 -1.67
C9 RET C . -2.20 -5.96 -0.65
C10 RET C . -1.16 -5.03 -1.22
C11 RET C . -0.24 -4.35 -0.26
C12 RET C . 0.69 -3.49 -1.09
C13 RET C . 1.73 -2.70 -0.33
C14 RET C . 2.66 -1.85 -1.15
C15 RET C . 3.70 -1.07 -0.41
C16 RET C . -3.62 -8.76 -4.07
C17 RET C . -5.00 -6.73 -4.05
C18 RET C . -5.99 -9.22 -0.18
C19 RET C . -2.37 -6.18 0.84
C20 RET C . 1.76 -2.72 1.20
C1 LFA D . -12.57 0.91 3.45
C2 LFA D . -13.25 0.25 2.29
C3 LFA D . -14.31 0.99 1.53
C4 LFA D . -15.62 0.32 1.28
C5 LFA D . -16.63 1.02 0.42
C6 LFA D . -18.07 0.66 0.60
C7 LFA D . -19.07 1.03 -0.47
C8 LFA D . -19.26 0.08 -1.61
C9 LFA D . -20.65 -0.20 -2.10
C10 LFA D . -20.85 -0.79 -3.48
C1 LFA E . 11.90 -3.26 -20.80
C2 LFA E . 12.68 -3.14 -19.53
C3 LFA E . 11.92 -3.10 -18.24
C4 LFA E . 12.67 -3.39 -16.98
C5 LFA E . 13.24 -2.27 -16.17
C6 LFA E . 13.88 -2.63 -14.88
C7 LFA E . 14.72 -1.61 -14.17
C1 LFA F . 6.21 13.67 -0.62
C2 LFA F . 6.08 13.32 -2.08
C3 LFA F . 4.78 13.58 -2.76
C4 LFA F . 3.60 12.74 -2.39
C5 LFA F . 2.35 12.86 -3.21
C6 LFA F . 1.26 11.86 -3.00
C7 LFA F . 0.00 12.01 -3.78
C8 LFA F . -1.12 11.06 -3.50
C9 LFA F . -2.39 11.19 -4.27
C10 LFA F . -3.66 11.39 -3.51
C1 LFA G . -17.81 -4.36 -1.35
C2 LFA G . -17.53 -4.44 -2.81
C3 LFA G . -18.28 -5.46 -3.61
C4 LFA G . -17.95 -5.60 -5.05
C5 LFA G . -18.71 -6.63 -5.83
C6 LFA G . -17.95 -7.61 -6.66
C7 LFA G . -18.63 -8.90 -7.00
C8 LFA G . -17.84 -10.17 -6.86
C9 LFA G . -17.04 -10.39 -5.63
C10 LFA G . -16.56 -11.78 -5.36
C11 LFA G . -15.48 -11.98 -4.35
C12 LFA G . -15.37 -13.31 -3.70
C13 LFA G . -14.91 -14.49 -4.50
C14 LFA G . -15.90 -15.25 -5.30
C15 LFA G . -15.41 -16.41 -6.10
C16 LFA G . -15.98 -16.61 -7.47
C1 LFA H . 6.00 -2.27 -22.11
C2 LFA H . 5.87 -3.60 -21.45
C3 LFA H . 7.03 -4.11 -20.66
C4 LFA H . 6.71 -4.88 -19.42
C5 LFA H . 7.84 -5.34 -18.56
C6 LFA H . 7.63 -5.45 -17.09
C7 LFA H . 8.37 -4.46 -16.25
C8 LFA H . 9.33 -4.95 -15.22
C9 LFA H . 9.13 -4.41 -13.84
C10 LFA H . 10.18 -3.53 -13.23
C11 LFA H . 9.81 -2.76 -12.00
C12 LFA H . 10.22 -3.29 -10.67
C13 LFA H . 11.53 -2.84 -10.11
C14 LFA H . 12.20 -3.72 -9.09
C15 LFA H . 13.64 -4.04 -9.32
C16 LFA H . 14.48 -4.36 -8.12
C1 LFA I . -10.60 -1.91 12.78
C2 LFA I . -9.74 -2.96 12.16
C3 LFA I . -10.31 -3.75 11.02
C4 LFA I . -9.38 -4.64 10.26
C5 LFA I . -9.96 -5.48 9.16
C6 LFA I . -9.13 -6.57 8.59
C7 LFA I . -9.75 -7.92 8.43
C8 LFA I . -9.81 -8.51 7.06
C9 LFA I . -10.64 -7.84 6.02
C10 LFA I . -10.22 -7.95 4.59
C11 LFA I . -11.10 -8.73 3.66
C12 LFA I . -10.76 -8.78 2.21
C13 LFA I . -11.79 -9.38 1.31
C14 LFA I . -13.13 -8.72 1.23
C15 LFA I . -14.24 -9.47 0.58
C16 LFA I . -15.42 -8.69 0.10
C1 LFA J . -5.67 -4.39 20.97
C2 LFA J . -6.04 -5.70 20.38
C3 LFA J . -5.17 -6.87 20.70
C4 LFA J . -5.24 -8.05 19.79
C5 LFA J . -4.14 -9.05 19.88
C1 LFA K . 3.80 -24.05 2.63
C2 LFA K . 4.88 -24.53 3.54
C3 LFA K . 5.89 -23.54 4.02
C4 LFA K . 6.38 -23.69 5.42
C5 LFA K . 7.60 -22.94 5.84
C6 LFA K . 7.80 -22.74 7.31
C7 LFA K . 8.54 -23.80 8.07
C8 LFA K . 7.75 -24.81 8.82
C9 LFA K . 6.91 -24.36 9.97
C10 LFA K . 5.86 -25.31 10.45
#